data_5TFZ
#
_entry.id   5TFZ
#
_cell.length_a   43.352
_cell.length_b   54.667
_cell.length_c   118.335
_cell.angle_alpha   90.00
_cell.angle_beta   90.00
_cell.angle_gamma   90.00
#
_symmetry.space_group_name_H-M   'P 21 21 21'
#
loop_
_entity.id
_entity.type
_entity.pdbx_description
1 polymer 'dimethylsulfoniopropionate lyase DddK'
2 non-polymer 'NICKEL (II) ION'
3 non-polymer '3-(acryloyloxy)propanoic acid'
4 non-polymer DI(HYDROXYETHYL)ETHER
5 water water
#
_entity_poly.entity_id   1
_entity_poly.type   'polypeptide(L)'
_entity_poly.pdbx_seq_one_letter_code
;MGSSHHHHHHSSGLVPRGSHMIFVKNLASVLSQEWSSTEKYPGVRWKFLIDADFDGSSGLSLGFAEIAPGGDLTLHYHSP
AEIYVVTNGKGILNKSGKLETIKKGDVVYIAGNAEHALKNNGKETLEFYWIFPTDRFSEVEYFPAKQKSG
;
_entity_poly.pdbx_strand_id   A,B
#
# COMPACT_ATOMS: atom_id res chain seq x y z
N HIS A 20 4.00 -8.76 -18.74
CA HIS A 20 4.90 -8.42 -17.63
C HIS A 20 5.09 -6.90 -17.54
N MET A 21 4.00 -6.18 -17.33
CA MET A 21 4.07 -4.74 -17.27
C MET A 21 4.61 -4.28 -15.92
N ILE A 22 5.34 -3.17 -15.96
CA ILE A 22 5.81 -2.46 -14.79
C ILE A 22 5.60 -0.98 -15.10
N PHE A 23 4.96 -0.24 -14.21
CA PHE A 23 4.79 1.16 -14.50
C PHE A 23 4.78 1.96 -13.20
N VAL A 24 5.13 3.23 -13.31
CA VAL A 24 5.13 4.15 -12.19
C VAL A 24 4.00 5.15 -12.38
N LYS A 25 3.44 5.58 -11.29
CA LYS A 25 2.36 6.52 -11.26
C LYS A 25 2.38 7.39 -10.03
N ASN A 26 1.99 8.64 -10.19
CA ASN A 26 1.79 9.54 -9.05
C ASN A 26 0.59 10.42 -9.38
N LEU A 27 0.25 11.33 -8.45
CA LEU A 27 -0.93 12.18 -8.63
C LEU A 27 -0.78 13.09 -9.85
N ALA A 28 0.44 13.59 -10.09
CA ALA A 28 0.68 14.38 -11.29
C ALA A 28 0.34 13.60 -12.56
N SER A 29 0.56 12.28 -12.56
CA SER A 29 0.31 11.47 -13.75
C SER A 29 -1.16 11.37 -14.11
N VAL A 30 -2.07 11.61 -13.15
CA VAL A 30 -3.48 11.39 -13.37
C VAL A 30 -4.20 12.72 -13.22
N LEU A 31 -3.52 13.82 -13.58
CA LEU A 31 -4.12 15.14 -13.42
C LEU A 31 -5.43 15.23 -14.19
N SER A 32 -5.45 14.68 -15.40
CA SER A 32 -6.62 14.77 -16.25
C SER A 32 -7.73 13.85 -15.79
N GLN A 33 -7.47 12.96 -14.85
CA GLN A 33 -8.52 12.12 -14.31
C GLN A 33 -9.32 12.98 -13.35
N GLU A 34 -10.60 13.12 -13.58
CA GLU A 34 -11.38 13.94 -12.67
C GLU A 34 -11.56 13.22 -11.33
N TRP A 35 -11.50 13.99 -10.24
CA TRP A 35 -11.79 13.48 -8.91
C TRP A 35 -13.15 12.78 -8.89
N SER A 36 -13.20 11.58 -8.33
CA SER A 36 -14.46 10.90 -8.07
C SER A 36 -14.97 11.28 -6.68
N SER A 37 -16.28 11.39 -6.55
CA SER A 37 -16.89 11.68 -5.26
C SER A 37 -18.29 11.08 -5.24
N THR A 38 -18.96 11.22 -4.08
CA THR A 38 -20.32 10.71 -3.91
C THR A 38 -20.96 11.38 -2.69
N GLU A 39 -22.28 11.58 -2.79
CA GLU A 39 -22.98 12.26 -1.70
C GLU A 39 -22.95 11.44 -0.41
N LYS A 40 -22.86 10.12 -0.52
CA LYS A 40 -22.81 9.26 0.67
C LYS A 40 -21.59 9.51 1.55
N TYR A 41 -20.50 10.05 0.99
CA TYR A 41 -19.28 10.32 1.74
C TYR A 41 -18.95 11.80 1.61
N PRO A 42 -19.44 12.64 2.51
CA PRO A 42 -19.21 14.09 2.38
C PRO A 42 -17.75 14.46 2.63
N GLY A 43 -17.24 15.41 1.84
CA GLY A 43 -15.84 15.81 1.92
C GLY A 43 -14.81 14.77 1.52
N VAL A 44 -15.20 13.74 0.77
CA VAL A 44 -14.28 12.66 0.39
C VAL A 44 -14.15 12.65 -1.12
N ARG A 45 -12.93 12.50 -1.61
CA ARG A 45 -12.73 12.35 -3.05
C ARG A 45 -11.55 11.43 -3.29
N TRP A 46 -11.48 10.88 -4.51
CA TRP A 46 -10.50 9.83 -4.80
C TRP A 46 -10.22 9.72 -6.29
N LYS A 47 -9.07 9.14 -6.58
CA LYS A 47 -8.63 8.83 -7.93
C LYS A 47 -8.05 7.42 -7.94
N PHE A 48 -7.99 6.84 -9.12
CA PHE A 48 -7.45 5.51 -9.35
C PHE A 48 -6.06 5.62 -9.97
N LEU A 49 -5.07 4.92 -9.38
CA LEU A 49 -3.69 4.92 -9.88
C LEU A 49 -3.25 3.58 -10.47
N ILE A 50 -3.66 2.47 -9.89
CA ILE A 50 -3.37 1.14 -10.41
C ILE A 50 -4.71 0.42 -10.47
N ASP A 51 -5.16 0.10 -11.68
CA ASP A 51 -6.51 -0.41 -11.84
C ASP A 51 -6.65 -0.99 -13.22
N ALA A 52 -7.22 -2.20 -13.30
CA ALA A 52 -7.34 -2.88 -14.58
C ALA A 52 -8.06 -2.02 -15.60
N ASP A 53 -9.13 -1.33 -15.17
CA ASP A 53 -9.91 -0.54 -16.12
C ASP A 53 -9.08 0.59 -16.70
N PHE A 54 -8.06 1.07 -15.97
CA PHE A 54 -7.17 2.10 -16.48
C PHE A 54 -5.91 1.53 -17.10
N ASP A 55 -5.30 0.53 -16.47
CA ASP A 55 -3.96 0.15 -16.86
C ASP A 55 -3.84 -1.26 -17.38
N GLY A 56 -4.90 -2.08 -17.32
CA GLY A 56 -4.74 -3.49 -17.63
C GLY A 56 -3.88 -4.28 -16.64
N SER A 57 -3.58 -3.71 -15.49
CA SER A 57 -2.91 -4.42 -14.41
C SER A 57 -3.87 -5.46 -13.80
N SER A 58 -3.31 -6.34 -12.95
CA SER A 58 -4.07 -7.42 -12.33
C SER A 58 -3.49 -7.76 -10.98
N GLY A 59 -4.29 -8.42 -10.16
CA GLY A 59 -3.90 -8.95 -8.83
C GLY A 59 -3.99 -7.96 -7.68
N LEU A 60 -3.55 -6.72 -7.91
CA LEU A 60 -3.67 -5.65 -6.95
C LEU A 60 -4.21 -4.44 -7.66
N SER A 61 -4.95 -3.62 -6.92
CA SER A 61 -5.44 -2.34 -7.43
C SER A 61 -5.31 -1.32 -6.31
N LEU A 62 -5.08 -0.07 -6.70
CA LEU A 62 -4.69 0.94 -5.75
C LEU A 62 -5.33 2.26 -6.15
N GLY A 63 -5.82 2.98 -5.15
CA GLY A 63 -6.35 4.29 -5.36
C GLY A 63 -5.80 5.24 -4.32
N PHE A 64 -6.09 6.52 -4.51
CA PHE A 64 -5.67 7.55 -3.59
C PHE A 64 -6.89 8.36 -3.19
N ALA A 65 -7.04 8.59 -1.90
CA ALA A 65 -8.22 9.22 -1.36
C ALA A 65 -7.84 10.47 -0.56
N GLU A 66 -8.71 11.46 -0.58
CA GLU A 66 -8.53 12.67 0.21
C GLU A 66 -9.82 12.92 0.96
N ILE A 67 -9.72 13.13 2.27
CA ILE A 67 -10.88 13.46 3.09
C ILE A 67 -10.64 14.85 3.64
N ALA A 68 -11.50 15.80 3.25
CA ALA A 68 -11.40 17.16 3.74
C ALA A 68 -11.68 17.18 5.23
N PRO A 69 -11.22 18.22 5.92
CA PRO A 69 -11.50 18.35 7.36
C PRO A 69 -13.01 18.29 7.57
N GLY A 70 -13.41 17.54 8.60
CA GLY A 70 -14.80 17.27 8.83
C GLY A 70 -15.42 16.25 7.89
N GLY A 71 -14.68 15.74 6.90
CA GLY A 71 -15.21 14.71 6.04
C GLY A 71 -15.31 13.36 6.74
N ASP A 72 -16.21 12.51 6.25
CA ASP A 72 -16.53 11.24 6.91
C ASP A 72 -16.81 10.18 5.87
N LEU A 73 -16.08 9.08 5.89
CA LEU A 73 -16.35 7.93 5.05
C LEU A 73 -17.16 7.05 6.02
N THR A 74 -18.45 6.89 5.78
CA THR A 74 -19.38 6.28 6.73
C THR A 74 -19.17 4.76 6.85
N LEU A 75 -19.87 4.16 7.83
CA LEU A 75 -19.59 2.79 8.24
C LEU A 75 -20.05 1.79 7.19
N HIS A 76 -19.15 0.90 6.76
CA HIS A 76 -19.44 0.01 5.64
C HIS A 76 -18.46 -1.17 5.65
N TYR A 77 -18.66 -2.09 4.70
CA TYR A 77 -17.77 -3.24 4.55
C TYR A 77 -17.82 -3.69 3.08
N HIS A 78 -16.85 -4.54 2.70
CA HIS A 78 -16.82 -5.18 1.39
C HIS A 78 -16.05 -6.48 1.54
N SER A 79 -16.35 -7.46 0.69
CA SER A 79 -15.77 -8.79 0.93
C SER A 79 -14.25 -8.82 0.88
N PRO A 80 -13.55 -8.09 0.00
CA PRO A 80 -12.09 -8.24 -0.04
C PRO A 80 -11.41 -7.60 1.18
N ALA A 81 -10.28 -8.19 1.56
CA ALA A 81 -9.43 -7.51 2.53
C ALA A 81 -8.92 -6.21 1.92
N GLU A 82 -8.45 -5.30 2.77
CA GLU A 82 -8.05 -3.98 2.28
C GLU A 82 -6.95 -3.40 3.14
N ILE A 83 -6.11 -2.56 2.53
CA ILE A 83 -5.05 -1.86 3.25
C ILE A 83 -5.16 -0.36 3.00
N TYR A 84 -4.96 0.43 4.04
CA TYR A 84 -4.73 1.87 3.94
C TYR A 84 -3.26 2.19 4.21
N VAL A 85 -2.70 3.10 3.44
CA VAL A 85 -1.40 3.68 3.72
C VAL A 85 -1.62 5.18 3.90
N VAL A 86 -1.45 5.67 5.13
CA VAL A 86 -1.83 7.04 5.43
C VAL A 86 -0.65 7.97 5.16
N THR A 87 -0.81 8.87 4.18
CA THR A 87 0.30 9.75 3.77
C THR A 87 0.20 11.18 4.31
N ASN A 88 -0.95 11.60 4.84
CA ASN A 88 -0.98 12.94 5.44
C ASN A 88 -2.16 13.07 6.37
N GLY A 89 -1.99 13.94 7.39
CA GLY A 89 -3.06 14.26 8.30
C GLY A 89 -3.33 13.23 9.38
N LYS A 90 -4.54 13.30 9.90
CA LYS A 90 -4.95 12.37 10.94
C LYS A 90 -6.47 12.22 10.89
N GLY A 91 -6.95 11.18 11.52
CA GLY A 91 -8.35 10.83 11.38
C GLY A 91 -8.70 9.82 12.44
N ILE A 92 -10.00 9.65 12.61
CA ILE A 92 -10.53 8.66 13.53
C ILE A 92 -11.01 7.47 12.71
N LEU A 93 -10.38 6.33 12.94
CA LEU A 93 -10.75 5.08 12.30
C LEU A 93 -11.75 4.37 13.19
N ASN A 94 -12.87 3.96 12.61
CA ASN A 94 -13.88 3.22 13.35
C ASN A 94 -13.72 1.75 13.01
N LYS A 95 -13.27 0.97 14.00
CA LYS A 95 -12.94 -0.44 13.85
C LYS A 95 -14.11 -1.26 14.41
N SER A 96 -15.15 -1.40 13.58
CA SER A 96 -16.39 -2.08 13.95
C SER A 96 -16.90 -1.62 15.33
N GLY A 97 -16.95 -0.32 15.57
CA GLY A 97 -17.41 0.21 16.84
C GLY A 97 -16.31 0.69 17.78
N LYS A 98 -15.05 0.29 17.58
CA LYS A 98 -13.96 0.75 18.44
C LYS A 98 -13.15 1.79 17.69
N LEU A 99 -13.06 3.00 18.24
CA LEU A 99 -12.33 4.08 17.59
C LEU A 99 -10.84 4.00 17.91
N GLU A 100 -10.02 4.31 16.91
CA GLU A 100 -8.59 4.47 17.11
C GLU A 100 -8.09 5.56 16.16
N THR A 101 -7.18 6.41 16.65
CA THR A 101 -6.65 7.50 15.81
C THR A 101 -5.58 6.95 14.88
N ILE A 102 -5.63 7.35 13.59
CA ILE A 102 -4.57 7.08 12.63
C ILE A 102 -4.01 8.41 12.09
N LYS A 103 -2.79 8.35 11.58
CA LYS A 103 -2.12 9.55 11.10
C LYS A 103 -1.07 9.16 10.08
N LYS A 104 -0.54 10.18 9.41
CA LYS A 104 0.59 10.03 8.50
C LYS A 104 1.59 9.02 9.02
N GLY A 105 1.99 8.08 8.17
CA GLY A 105 2.93 7.05 8.56
C GLY A 105 2.32 5.78 9.09
N ASP A 106 0.99 5.71 9.21
CA ASP A 106 0.34 4.48 9.64
C ASP A 106 -0.07 3.67 8.43
N VAL A 107 -0.12 2.35 8.61
CA VAL A 107 -0.82 1.45 7.72
C VAL A 107 -1.95 0.81 8.52
N VAL A 108 -3.04 0.53 7.81
CA VAL A 108 -4.19 -0.13 8.41
C VAL A 108 -4.50 -1.37 7.60
N TYR A 109 -4.74 -2.50 8.30
CA TYR A 109 -5.29 -3.71 7.69
C TYR A 109 -6.76 -3.85 8.06
N ILE A 110 -7.60 -4.09 7.05
CA ILE A 110 -9.05 -4.18 7.22
C ILE A 110 -9.48 -5.53 6.66
N ALA A 111 -9.78 -6.47 7.54
CA ALA A 111 -10.13 -7.79 7.04
C ALA A 111 -11.40 -7.72 6.19
N GLY A 112 -11.55 -8.68 5.30
CA GLY A 112 -12.76 -8.73 4.49
C GLY A 112 -14.00 -8.73 5.36
N ASN A 113 -15.03 -8.00 4.91
CA ASN A 113 -16.34 -7.94 5.57
C ASN A 113 -16.29 -7.29 6.96
N ALA A 114 -15.17 -6.66 7.32
CA ALA A 114 -15.09 -5.97 8.58
C ALA A 114 -15.66 -4.57 8.41
N GLU A 115 -16.62 -4.23 9.26
CA GLU A 115 -17.24 -2.92 9.19
C GLU A 115 -16.24 -1.87 9.65
N HIS A 116 -16.10 -0.79 8.87
CA HIS A 116 -15.12 0.24 9.16
C HIS A 116 -15.57 1.58 8.60
N ALA A 117 -15.08 2.63 9.24
CA ALA A 117 -15.39 4.03 8.90
C ALA A 117 -14.13 4.83 9.15
N LEU A 118 -14.05 6.01 8.51
CA LEU A 118 -12.92 6.90 8.72
C LEU A 118 -13.39 8.33 8.60
N LYS A 119 -13.18 9.14 9.63
CA LYS A 119 -13.50 10.56 9.56
C LYS A 119 -12.27 11.41 9.82
N ASN A 120 -12.21 12.57 9.17
CA ASN A 120 -11.08 13.48 9.35
C ASN A 120 -11.45 14.49 10.42
N ASN A 121 -10.86 14.35 11.61
CA ASN A 121 -11.12 15.25 12.72
C ASN A 121 -10.03 16.32 12.88
N GLY A 122 -9.15 16.46 11.89
CA GLY A 122 -8.06 17.41 11.94
C GLY A 122 -8.30 18.61 11.05
N LYS A 123 -7.31 19.50 11.05
CA LYS A 123 -7.38 20.67 10.19
C LYS A 123 -6.68 20.44 8.86
N GLU A 124 -5.82 19.44 8.75
CA GLU A 124 -5.20 19.24 7.44
C GLU A 124 -5.88 18.08 6.74
N THR A 125 -5.67 18.01 5.42
CA THR A 125 -6.31 16.98 4.61
C THR A 125 -5.85 15.59 5.05
N LEU A 126 -6.81 14.66 5.18
CA LEU A 126 -6.48 13.26 5.46
C LEU A 126 -6.31 12.56 4.11
N GLU A 127 -5.08 12.10 3.84
CA GLU A 127 -4.72 11.49 2.56
C GLU A 127 -4.23 10.07 2.76
N PHE A 128 -4.63 9.17 1.86
CA PHE A 128 -4.14 7.81 2.00
C PHE A 128 -4.38 7.10 0.69
N TYR A 129 -3.54 6.11 0.42
CA TYR A 129 -3.79 5.12 -0.60
C TYR A 129 -4.62 3.98 -0.01
N TRP A 130 -5.38 3.33 -0.87
CA TRP A 130 -6.01 2.08 -0.51
C TRP A 130 -5.59 1.04 -1.52
N ILE A 131 -5.54 -0.21 -1.05
CA ILE A 131 -5.13 -1.36 -1.84
C ILE A 131 -6.13 -2.48 -1.62
N PHE A 132 -6.56 -3.11 -2.71
CA PHE A 132 -7.43 -4.26 -2.82
C PHE A 132 -6.71 -5.39 -3.53
N PRO A 133 -6.93 -6.64 -3.09
CA PRO A 133 -6.42 -7.80 -3.83
C PRO A 133 -7.37 -8.14 -4.95
N THR A 134 -7.70 -7.14 -5.74
CA THR A 134 -8.56 -7.31 -6.91
C THR A 134 -7.91 -6.62 -8.09
N ASP A 135 -8.29 -7.07 -9.29
CA ASP A 135 -7.77 -6.44 -10.50
C ASP A 135 -8.24 -5.00 -10.63
N ARG A 136 -9.45 -4.70 -10.16
CA ARG A 136 -10.04 -3.38 -10.38
C ARG A 136 -10.90 -3.00 -9.19
N PHE A 137 -11.04 -1.70 -8.99
CA PHE A 137 -11.93 -1.18 -7.95
C PHE A 137 -13.39 -1.45 -8.28
N SER A 138 -13.76 -1.41 -9.56
CA SER A 138 -15.17 -1.47 -9.91
C SER A 138 -15.79 -2.83 -9.62
N GLU A 139 -15.00 -3.85 -9.35
CA GLU A 139 -15.57 -5.15 -9.03
C GLU A 139 -15.87 -5.30 -7.54
N VAL A 140 -15.50 -4.33 -6.72
CA VAL A 140 -15.65 -4.44 -5.28
C VAL A 140 -17.00 -3.85 -4.90
N GLU A 141 -17.80 -4.62 -4.17
CA GLU A 141 -19.18 -4.25 -3.84
C GLU A 141 -19.23 -3.72 -2.41
N TYR A 142 -19.62 -2.46 -2.27
CA TYR A 142 -19.73 -1.84 -0.96
C TYR A 142 -21.11 -2.07 -0.42
N PHE A 143 -21.20 -2.22 0.89
CA PHE A 143 -22.46 -2.48 1.56
C PHE A 143 -22.49 -1.64 2.82
N PRO A 144 -23.64 -1.10 3.20
CA PRO A 144 -23.72 -0.35 4.45
C PRO A 144 -23.72 -1.31 5.60
N ALA A 145 -23.10 -0.89 6.71
CA ALA A 145 -23.06 -1.68 7.93
C ALA A 145 -24.38 -1.58 8.68
N LYS A 146 -24.73 -2.66 9.38
CA LYS A 146 -25.97 -2.74 10.16
C LYS A 146 -25.82 -2.08 11.54
N PRO B 16 -7.32 -10.64 21.57
CA PRO B 16 -7.57 -11.71 20.58
C PRO B 16 -7.95 -11.10 19.25
N ARG B 17 -7.52 -11.74 18.16
CA ARG B 17 -7.81 -11.26 16.81
C ARG B 17 -8.62 -12.31 16.05
N GLY B 18 -9.77 -11.88 15.52
CA GLY B 18 -10.67 -12.75 14.81
C GLY B 18 -10.61 -12.55 13.30
N SER B 19 -11.52 -13.21 12.60
CA SER B 19 -11.51 -13.17 11.15
C SER B 19 -11.93 -11.82 10.59
N HIS B 20 -12.31 -10.85 11.43
CA HIS B 20 -12.74 -9.52 10.99
C HIS B 20 -11.84 -8.44 11.59
N MET B 21 -10.60 -8.83 11.86
CA MET B 21 -9.67 -7.96 12.55
C MET B 21 -9.41 -6.71 11.73
N ILE B 22 -9.31 -5.58 12.42
CA ILE B 22 -8.85 -4.30 11.86
C ILE B 22 -7.76 -3.81 12.80
N PHE B 23 -6.58 -3.49 12.26
CA PHE B 23 -5.53 -2.98 13.12
C PHE B 23 -4.63 -1.99 12.41
N VAL B 24 -3.86 -1.28 13.22
CA VAL B 24 -3.03 -0.16 12.79
C VAL B 24 -1.58 -0.45 13.15
N LYS B 25 -0.69 -0.11 12.24
CA LYS B 25 0.74 -0.29 12.39
C LYS B 25 1.58 0.79 11.80
N ASN B 26 2.70 0.98 12.45
CA ASN B 26 3.75 1.86 11.93
C ASN B 26 5.06 1.29 12.43
N LEU B 27 6.17 1.98 12.12
CA LEU B 27 7.46 1.44 12.51
C LEU B 27 7.56 1.33 14.03
N ALA B 28 7.02 2.30 14.76
CA ALA B 28 7.13 2.20 16.22
C ALA B 28 6.40 0.97 16.75
N SER B 29 5.37 0.50 16.04
CA SER B 29 4.63 -0.69 16.46
C SER B 29 5.50 -1.94 16.43
N VAL B 30 6.54 -1.96 15.60
CA VAL B 30 7.25 -3.20 15.36
C VAL B 30 8.70 -3.02 15.81
N LEU B 31 8.90 -2.23 16.85
CA LEU B 31 10.24 -2.01 17.38
C LEU B 31 10.90 -3.32 17.81
N SER B 32 10.12 -4.21 18.46
CA SER B 32 10.69 -5.46 18.95
C SER B 32 11.03 -6.40 17.82
N GLN B 33 10.64 -6.13 16.58
CA GLN B 33 10.96 -6.97 15.43
C GLN B 33 12.30 -6.55 14.88
N GLU B 34 13.24 -7.47 14.75
CA GLU B 34 14.57 -7.16 14.23
C GLU B 34 14.50 -6.88 12.74
N TRP B 35 15.23 -5.85 12.30
CA TRP B 35 15.37 -5.58 10.88
C TRP B 35 15.92 -6.79 10.16
N SER B 36 15.27 -7.19 9.06
CA SER B 36 15.74 -8.28 8.23
C SER B 36 16.66 -7.71 7.17
N SER B 37 17.70 -8.46 6.79
CA SER B 37 18.59 -8.05 5.72
C SER B 37 19.23 -9.29 5.11
N THR B 38 19.97 -9.09 4.01
CA THR B 38 20.75 -10.18 3.43
C THR B 38 21.92 -9.63 2.63
N GLU B 39 23.03 -10.37 2.62
CA GLU B 39 24.20 -9.90 1.87
C GLU B 39 23.94 -9.86 0.37
N LYS B 40 22.88 -10.54 -0.10
CA LYS B 40 22.56 -10.50 -1.52
C LYS B 40 22.06 -9.13 -1.94
N TYR B 41 21.41 -8.40 -1.03
CA TYR B 41 20.85 -7.08 -1.27
C TYR B 41 21.58 -6.09 -0.37
N PRO B 42 22.76 -5.64 -0.77
CA PRO B 42 23.54 -4.80 0.16
C PRO B 42 22.86 -3.47 0.38
N GLY B 43 22.91 -3.02 1.63
CA GLY B 43 22.29 -1.79 2.04
C GLY B 43 20.78 -1.80 2.11
N VAL B 44 20.13 -2.96 1.99
CA VAL B 44 18.68 -3.08 2.09
C VAL B 44 18.33 -3.72 3.42
N ARG B 45 17.33 -3.18 4.11
CA ARG B 45 16.76 -3.86 5.28
C ARG B 45 15.25 -3.68 5.28
N TRP B 46 14.54 -4.59 5.97
CA TRP B 46 13.09 -4.51 5.94
C TRP B 46 12.48 -5.06 7.21
N LYS B 47 11.20 -4.74 7.41
CA LYS B 47 10.32 -5.34 8.43
C LYS B 47 8.97 -5.68 7.81
N PHE B 48 8.24 -6.56 8.49
CA PHE B 48 6.90 -6.95 8.09
C PHE B 48 5.88 -6.24 8.99
N LEU B 49 4.90 -5.58 8.39
CA LEU B 49 3.92 -4.81 9.14
C LEU B 49 2.54 -5.43 9.10
N ILE B 50 2.19 -6.05 7.98
CA ILE B 50 0.89 -6.71 7.83
C ILE B 50 1.21 -8.04 7.21
N ASP B 51 0.93 -9.12 7.93
CA ASP B 51 1.47 -10.41 7.53
C ASP B 51 0.83 -11.51 8.37
N ALA B 52 0.33 -12.57 7.72
CA ALA B 52 -0.31 -13.66 8.45
C ALA B 52 0.59 -14.20 9.55
N ASP B 53 1.88 -14.36 9.25
CA ASP B 53 2.78 -15.00 10.20
C ASP B 53 2.99 -14.17 11.44
N PHE B 54 2.77 -12.86 11.36
CA PHE B 54 2.85 -12.01 12.55
C PHE B 54 1.49 -11.63 13.09
N ASP B 55 0.50 -11.41 12.22
CA ASP B 55 -0.74 -10.79 12.68
C ASP B 55 -2.00 -11.66 12.49
N GLY B 56 -1.92 -12.82 11.81
CA GLY B 56 -3.12 -13.57 11.47
C GLY B 56 -3.96 -12.98 10.34
N SER B 57 -3.50 -11.90 9.71
CA SER B 57 -4.18 -11.27 8.60
C SER B 57 -4.08 -12.12 7.32
N SER B 58 -4.93 -11.79 6.34
CA SER B 58 -4.99 -12.59 5.11
C SER B 58 -5.34 -11.71 3.94
N GLY B 59 -5.21 -12.28 2.75
CA GLY B 59 -5.56 -11.55 1.52
C GLY B 59 -4.53 -10.56 0.96
N LEU B 60 -3.98 -9.70 1.82
CA LEU B 60 -2.93 -8.75 1.43
C LEU B 60 -1.85 -8.80 2.50
N SER B 61 -0.59 -8.56 2.11
CA SER B 61 0.49 -8.48 3.08
C SER B 61 1.41 -7.32 2.72
N LEU B 62 2.06 -6.73 3.72
CA LEU B 62 2.75 -5.47 3.55
C LEU B 62 3.96 -5.43 4.45
N GLY B 63 5.07 -4.97 3.88
CA GLY B 63 6.25 -4.69 4.64
C GLY B 63 6.78 -3.31 4.32
N PHE B 64 7.86 -2.96 5.00
CA PHE B 64 8.51 -1.68 4.88
C PHE B 64 9.98 -1.94 4.65
N ALA B 65 10.53 -1.29 3.64
CA ALA B 65 11.91 -1.49 3.23
C ALA B 65 12.62 -0.14 3.16
N GLU B 66 13.89 -0.16 3.57
CA GLU B 66 14.79 0.99 3.51
C GLU B 66 16.02 0.54 2.74
N ILE B 67 16.41 1.35 1.76
CA ILE B 67 17.62 1.10 1.01
C ILE B 67 18.54 2.29 1.26
N ALA B 68 19.70 2.02 1.86
CA ALA B 68 20.67 3.06 2.16
C ALA B 68 21.31 3.57 0.86
N PRO B 69 21.89 4.78 0.91
CA PRO B 69 22.63 5.30 -0.26
C PRO B 69 23.65 4.29 -0.76
N GLY B 70 23.59 4.01 -2.07
CA GLY B 70 24.41 2.98 -2.68
C GLY B 70 23.86 1.57 -2.55
N GLY B 71 22.76 1.37 -1.81
CA GLY B 71 22.21 0.02 -1.68
C GLY B 71 21.49 -0.41 -2.94
N ASP B 72 21.29 -1.72 -3.08
CA ASP B 72 20.78 -2.27 -4.33
C ASP B 72 19.97 -3.51 -4.02
N LEU B 73 18.69 -3.51 -4.37
CA LEU B 73 17.89 -4.73 -4.38
C LEU B 73 17.99 -5.28 -5.80
N THR B 74 18.61 -6.46 -5.95
CA THR B 74 19.04 -6.87 -7.30
C THR B 74 17.92 -7.55 -8.08
N LEU B 75 18.18 -7.77 -9.36
CA LEU B 75 17.16 -8.16 -10.33
C LEU B 75 16.54 -9.51 -9.98
N HIS B 76 15.20 -9.57 -9.95
CA HIS B 76 14.54 -10.78 -9.47
C HIS B 76 13.09 -10.78 -9.95
N TYR B 77 12.41 -11.91 -9.77
CA TYR B 77 10.99 -11.95 -10.06
C TYR B 77 10.31 -12.93 -9.14
N HIS B 78 8.97 -12.81 -9.11
CA HIS B 78 8.12 -13.70 -8.33
C HIS B 78 6.73 -13.68 -8.93
N SER B 79 6.00 -14.79 -8.75
CA SER B 79 4.75 -14.94 -9.49
C SER B 79 3.63 -13.99 -9.06
N PRO B 80 3.48 -13.58 -7.80
CA PRO B 80 2.40 -12.63 -7.48
C PRO B 80 2.72 -11.23 -8.01
N ALA B 81 1.68 -10.49 -8.40
CA ALA B 81 1.87 -9.07 -8.71
C ALA B 81 2.31 -8.34 -7.43
N GLU B 82 2.86 -7.13 -7.60
CA GLU B 82 3.34 -6.42 -6.42
C GLU B 82 3.20 -4.90 -6.60
N ILE B 83 3.11 -4.19 -5.48
CA ILE B 83 3.02 -2.75 -5.53
C ILE B 83 4.06 -2.18 -4.59
N TYR B 84 4.71 -1.12 -5.05
CA TYR B 84 5.58 -0.29 -4.22
C TYR B 84 4.88 1.02 -3.95
N VAL B 85 4.95 1.49 -2.70
CA VAL B 85 4.50 2.81 -2.35
C VAL B 85 5.72 3.55 -1.83
N VAL B 86 6.25 4.47 -2.62
CA VAL B 86 7.51 5.10 -2.25
C VAL B 86 7.20 6.28 -1.33
N THR B 87 7.85 6.28 -0.18
CA THR B 87 7.54 7.24 0.87
C THR B 87 8.70 8.14 1.24
N ASN B 88 9.93 7.84 0.81
CA ASN B 88 11.04 8.75 1.06
C ASN B 88 12.11 8.51 0.02
N GLY B 89 12.84 9.57 -0.32
CA GLY B 89 14.01 9.44 -1.16
C GLY B 89 13.70 9.23 -2.63
N LYS B 90 14.78 8.90 -3.35
CA LYS B 90 14.82 8.68 -4.79
C LYS B 90 15.55 7.39 -5.09
N GLY B 91 15.06 6.67 -6.09
CA GLY B 91 15.73 5.45 -6.48
C GLY B 91 15.72 5.33 -7.99
N ILE B 92 16.45 4.34 -8.48
CA ILE B 92 16.39 3.90 -9.87
C ILE B 92 15.73 2.54 -9.89
N LEU B 93 14.58 2.46 -10.53
CA LEU B 93 13.88 1.20 -10.71
C LEU B 93 14.32 0.54 -12.00
N ASN B 94 14.68 -0.73 -11.94
CA ASN B 94 15.03 -1.53 -13.11
C ASN B 94 13.76 -2.22 -13.57
N LYS B 95 13.19 -1.75 -14.67
CA LYS B 95 12.00 -2.35 -15.26
C LYS B 95 12.42 -3.31 -16.37
N SER B 96 12.88 -4.48 -15.97
CA SER B 96 13.33 -5.53 -16.90
C SER B 96 14.28 -4.99 -17.95
N GLY B 97 15.30 -4.26 -17.50
CA GLY B 97 16.20 -3.67 -18.46
C GLY B 97 16.17 -2.16 -18.49
N LYS B 98 14.98 -1.55 -18.48
CA LYS B 98 14.89 -0.09 -18.46
C LYS B 98 15.16 0.45 -17.06
N LEU B 99 15.88 1.56 -16.96
CA LEU B 99 16.11 2.22 -15.69
C LEU B 99 15.25 3.48 -15.60
N GLU B 100 14.35 3.52 -14.63
CA GLU B 100 13.50 4.71 -14.48
C GLU B 100 13.53 5.19 -13.03
N THR B 101 13.64 6.49 -12.86
CA THR B 101 13.65 7.07 -11.51
C THR B 101 12.29 6.95 -10.84
N ILE B 102 12.28 6.60 -9.56
CA ILE B 102 11.09 6.64 -8.73
C ILE B 102 11.44 7.45 -7.49
N LYS B 103 10.45 8.11 -6.89
CA LYS B 103 10.76 9.00 -5.78
C LYS B 103 9.54 9.02 -4.87
N LYS B 104 9.73 9.64 -3.71
CA LYS B 104 8.66 9.84 -2.76
C LYS B 104 7.39 10.30 -3.48
N GLY B 105 6.28 9.69 -3.14
CA GLY B 105 5.04 10.06 -3.77
C GLY B 105 4.68 9.20 -4.95
N ASP B 106 5.57 8.33 -5.41
CA ASP B 106 5.24 7.42 -6.50
C ASP B 106 4.64 6.12 -5.98
N VAL B 107 3.83 5.51 -6.82
CA VAL B 107 3.49 4.11 -6.64
C VAL B 107 3.96 3.37 -7.88
N VAL B 108 4.26 2.08 -7.70
CA VAL B 108 4.79 1.22 -8.75
C VAL B 108 3.96 -0.04 -8.79
N TYR B 109 3.57 -0.45 -9.99
CA TYR B 109 2.92 -1.73 -10.20
C TYR B 109 3.90 -2.62 -10.91
N ILE B 110 4.04 -3.85 -10.41
CA ILE B 110 5.02 -4.81 -10.92
C ILE B 110 4.24 -6.09 -11.20
N ALA B 111 3.99 -6.38 -12.48
CA ALA B 111 3.22 -7.58 -12.82
C ALA B 111 3.88 -8.87 -12.28
N GLY B 112 3.05 -9.87 -12.01
CA GLY B 112 3.59 -11.17 -11.64
C GLY B 112 4.64 -11.63 -12.65
N ASN B 113 5.75 -12.15 -12.13
CA ASN B 113 6.88 -12.65 -12.90
C ASN B 113 7.63 -11.58 -13.71
N ALA B 114 7.37 -10.31 -13.48
CA ALA B 114 8.14 -9.28 -14.17
C ALA B 114 9.48 -9.08 -13.44
N GLU B 115 10.56 -9.08 -14.20
CA GLU B 115 11.89 -8.95 -13.61
C GLU B 115 12.14 -7.52 -13.16
N HIS B 116 12.64 -7.34 -11.94
CA HIS B 116 12.75 -5.98 -11.46
C HIS B 116 13.84 -5.89 -10.39
N ALA B 117 14.40 -4.68 -10.24
CA ALA B 117 15.41 -4.35 -9.26
C ALA B 117 15.21 -2.90 -8.84
N LEU B 118 15.89 -2.51 -7.77
CA LEU B 118 15.74 -1.15 -7.24
C LEU B 118 17.06 -0.72 -6.60
N LYS B 119 17.57 0.43 -7.02
CA LYS B 119 18.87 0.91 -6.59
C LYS B 119 18.73 2.31 -6.01
N ASN B 120 19.44 2.58 -4.95
CA ASN B 120 19.46 3.90 -4.35
C ASN B 120 20.75 4.64 -4.71
N ASN B 121 20.70 5.39 -5.80
CA ASN B 121 21.79 6.24 -6.28
C ASN B 121 21.75 7.66 -5.72
N GLY B 122 20.95 7.92 -4.67
CA GLY B 122 20.87 9.22 -4.05
C GLY B 122 21.61 9.30 -2.73
N LYS B 123 21.44 10.45 -2.03
CA LYS B 123 22.11 10.70 -0.75
C LYS B 123 21.15 10.66 0.44
N GLU B 124 19.96 10.12 0.26
CA GLU B 124 19.02 9.97 1.33
C GLU B 124 18.49 8.56 1.25
N THR B 125 17.94 8.11 2.38
CA THR B 125 17.45 6.74 2.46
C THR B 125 16.21 6.61 1.57
N LEU B 126 16.22 5.59 0.74
CA LEU B 126 15.08 5.25 -0.09
C LEU B 126 14.16 4.34 0.72
N GLU B 127 12.94 4.80 0.97
CA GLU B 127 11.97 4.09 1.81
C GLU B 127 10.71 3.78 1.04
N PHE B 128 10.17 2.57 1.27
CA PHE B 128 8.95 2.26 0.60
C PHE B 128 8.30 1.07 1.26
N TYR B 129 6.97 1.02 1.11
CA TYR B 129 6.19 -0.15 1.42
C TYR B 129 6.09 -1.00 0.17
N TRP B 130 6.01 -2.32 0.38
CA TRP B 130 5.60 -3.25 -0.66
C TRP B 130 4.34 -3.97 -0.20
N ILE B 131 3.52 -4.36 -1.17
CA ILE B 131 2.27 -5.05 -0.93
C ILE B 131 2.19 -6.22 -1.89
N PHE B 132 1.86 -7.39 -1.36
CA PHE B 132 1.59 -8.60 -2.11
C PHE B 132 0.15 -8.99 -1.91
N PRO B 133 -0.52 -9.53 -2.95
CA PRO B 133 -1.82 -10.17 -2.82
C PRO B 133 -1.70 -11.57 -2.19
N THR B 134 -0.97 -11.65 -1.08
CA THR B 134 -0.80 -12.91 -0.38
C THR B 134 -1.08 -12.70 1.09
N ASP B 135 -1.37 -13.81 1.77
CA ASP B 135 -1.55 -13.80 3.22
C ASP B 135 -0.28 -13.41 3.93
N ARG B 136 0.86 -13.79 3.37
CA ARG B 136 2.09 -13.67 4.12
C ARG B 136 3.25 -13.55 3.14
N PHE B 137 4.29 -12.83 3.58
CA PHE B 137 5.51 -12.78 2.79
C PHE B 137 6.09 -14.17 2.54
N SER B 138 6.01 -15.03 3.56
CA SER B 138 6.69 -16.32 3.52
C SER B 138 6.20 -17.22 2.40
N GLU B 139 5.06 -16.94 1.80
CA GLU B 139 4.62 -17.82 0.73
C GLU B 139 5.13 -17.40 -0.65
N VAL B 140 5.78 -16.25 -0.76
CA VAL B 140 6.26 -15.77 -2.03
C VAL B 140 7.58 -16.45 -2.37
N GLU B 141 7.64 -17.12 -3.51
CA GLU B 141 8.91 -17.66 -3.97
C GLU B 141 9.65 -16.66 -4.87
N TYR B 142 10.88 -16.33 -4.47
CA TYR B 142 11.75 -15.42 -5.21
C TYR B 142 12.65 -16.19 -6.19
N PHE B 143 12.76 -15.70 -7.42
CA PHE B 143 13.66 -16.28 -8.41
C PHE B 143 14.70 -15.24 -8.87
N PRO B 144 15.95 -15.66 -9.09
CA PRO B 144 16.95 -14.73 -9.62
C PRO B 144 16.66 -14.40 -11.07
N ALA B 145 17.21 -13.26 -11.51
CA ALA B 145 17.05 -12.79 -12.89
C ALA B 145 17.52 -13.83 -13.91
N LYS B 146 16.68 -14.09 -14.91
CA LYS B 146 17.02 -15.04 -15.98
C LYS B 146 17.93 -14.39 -17.05
#